data_2OD6
#
_entry.id   2OD6
#
_cell.length_a   36.433
_cell.length_b   92.842
_cell.length_c   144.927
_cell.angle_alpha   90.000
_cell.angle_beta   90.000
_cell.angle_gamma   90.000
#
_symmetry.space_group_name_H-M   'P 21 21 21'
#
loop_
_entity.id
_entity.type
_entity.pdbx_description
1 polymer 'hypothetical protein'
2 non-polymer '10-oxohexadecanoic acid'
3 non-polymer 1,2-ETHANEDIOL
4 water water
#
_entity_poly.entity_id   1
_entity_poly.type   'polypeptide(L)'
_entity_poly.pdbx_seq_one_letter_code
;G(MSE)AEPKFTSFTTADFINDVD(MSE)ELFIDAVEKTAPVWVKE(MSE)KSRGLLKFS(MSE)NRVWNKGEVFRVV
(MSE)TYEYKDRASFEANIAYLEDTFGKNPVFLQLVTTAKFTTSRCLVV(MSE)EV
;
_entity_poly.pdbx_strand_id   A,B,C,D
#
loop_
_chem_comp.id
_chem_comp.type
_chem_comp.name
_chem_comp.formula
EDO non-polymer 1,2-ETHANEDIOL 'C2 H6 O2'
OHA non-polymer '10-oxohexadecanoic acid' 'C16 H30 O3'
#
# COMPACT_ATOMS: atom_id res chain seq x y z
N GLY A 1 -9.64 -6.79 -0.77
CA GLY A 1 -9.24 -7.43 -2.06
C GLY A 1 -7.76 -7.73 -2.23
N MSE A 2 -6.97 -6.68 -2.45
CA MSE A 2 -5.60 -6.83 -2.96
C MSE A 2 -4.60 -6.96 -1.82
O MSE A 2 -4.84 -6.44 -0.73
CB MSE A 2 -5.24 -5.62 -3.83
CG MSE A 2 -6.17 -5.37 -5.02
SE MSE A 2 -6.42 -7.00 -6.14
CE MSE A 2 -8.13 -7.72 -5.44
N ALA A 3 -3.47 -7.61 -2.11
CA ALA A 3 -2.39 -7.75 -1.13
C ALA A 3 -1.90 -6.36 -0.70
N GLU A 4 -1.77 -5.50 -1.70
CA GLU A 4 -1.38 -4.10 -1.49
C GLU A 4 -2.58 -3.26 -1.89
N PRO A 5 -3.47 -2.96 -0.94
CA PRO A 5 -4.68 -2.25 -1.34
C PRO A 5 -4.48 -0.78 -1.65
N LYS A 6 -5.33 -0.25 -2.53
CA LYS A 6 -5.46 1.17 -2.70
C LYS A 6 -5.98 1.80 -1.43
N PHE A 7 -5.66 3.05 -1.26
CA PHE A 7 -6.10 3.86 -0.13
C PHE A 7 -6.97 5.03 -0.67
N THR A 8 -8.04 5.38 0.06
CA THR A 8 -8.94 6.49 -0.28
C THR A 8 -9.37 7.24 0.95
N SER A 9 -9.25 8.56 0.88
CA SER A 9 -9.67 9.44 1.95
C SER A 9 -10.86 10.26 1.46
N PHE A 10 -11.83 10.49 2.35
CA PHE A 10 -13.00 11.32 2.06
C PHE A 10 -13.02 12.39 3.05
N THR A 11 -12.77 13.61 2.61
CA THR A 11 -12.81 14.75 3.55
C THR A 11 -14.13 15.44 3.33
N THR A 12 -14.85 15.68 4.43
CA THR A 12 -16.09 16.43 4.39
C THR A 12 -15.79 17.79 4.98
N ALA A 13 -16.13 18.80 4.19
CA ALA A 13 -15.93 20.17 4.53
C ALA A 13 -17.28 20.92 4.68
N ASP A 14 -17.54 21.51 5.85
CA ASP A 14 -18.77 22.21 6.08
C ASP A 14 -18.53 23.65 6.33
N PHE A 15 -19.42 24.51 5.84
CA PHE A 15 -19.25 25.94 5.84
C PHE A 15 -20.48 26.50 6.40
N ILE A 16 -20.33 27.72 6.88
CA ILE A 16 -21.39 28.45 7.46
C ILE A 16 -22.47 29.01 6.53
N ASN A 17 -22.15 29.15 5.26
CA ASN A 17 -22.99 29.82 4.28
C ASN A 17 -22.40 29.50 2.94
N ASP A 18 -23.18 29.82 1.92
CA ASP A 18 -22.87 29.65 0.52
C ASP A 18 -21.63 30.41 0.07
N VAL A 19 -21.46 31.65 0.50
CA VAL A 19 -20.30 32.50 0.22
C VAL A 19 -19.04 31.77 0.64
N ASP A 20 -18.99 31.29 1.88
CA ASP A 20 -17.77 30.68 2.39
C ASP A 20 -17.47 29.46 1.59
N MSE A 21 -18.50 28.65 1.38
N MSE A 21 -18.49 28.65 1.36
CA MSE A 21 -18.35 27.42 0.53
CA MSE A 21 -18.28 27.46 0.48
C MSE A 21 -17.81 27.69 -0.85
C MSE A 21 -17.90 27.84 -0.93
O MSE A 21 -16.95 26.91 -1.36
O MSE A 21 -17.13 27.10 -1.60
CB MSE A 21 -19.73 26.76 0.39
CB MSE A 21 -19.55 26.59 0.42
CG MSE A 21 -19.74 25.37 -0.09
CG MSE A 21 -19.44 25.33 -0.49
SE MSE A 21 -21.55 24.91 -0.65
SE MSE A 21 -21.18 24.41 -0.62
CE MSE A 21 -20.84 23.67 -1.91
CE MSE A 21 -22.31 26.04 -1.03
N GLU A 22 -18.36 28.66 -1.55
N GLU A 22 -18.48 28.90 -1.48
CA GLU A 22 -17.89 28.88 -2.93
CA GLU A 22 -18.13 29.22 -2.87
C GLU A 22 -16.49 29.53 -2.92
C GLU A 22 -16.63 29.65 -2.94
N LEU A 23 -16.21 30.35 -1.90
CA LEU A 23 -14.82 30.89 -1.77
C LEU A 23 -13.80 29.76 -1.66
N PHE A 24 -14.20 28.69 -0.96
CA PHE A 24 -13.39 27.49 -0.86
C PHE A 24 -13.27 26.75 -2.14
N ILE A 25 -14.41 26.48 -2.80
CA ILE A 25 -14.34 25.75 -4.13
C ILE A 25 -13.42 26.48 -5.11
N ASP A 26 -13.56 27.80 -5.15
CA ASP A 26 -12.78 28.63 -6.06
C ASP A 26 -11.29 28.54 -5.73
N ALA A 27 -10.95 28.65 -4.44
CA ALA A 27 -9.56 28.52 -3.97
C ALA A 27 -8.97 27.19 -4.41
N VAL A 28 -9.74 26.12 -4.25
CA VAL A 28 -9.25 24.78 -4.53
C VAL A 28 -9.06 24.65 -6.04
N GLU A 29 -10.03 25.19 -6.79
CA GLU A 29 -9.93 25.15 -8.26
C GLU A 29 -8.75 25.99 -8.77
N LYS A 30 -8.58 27.17 -8.20
CA LYS A 30 -7.56 28.09 -8.71
C LYS A 30 -6.13 27.60 -8.42
N THR A 31 -5.93 26.87 -7.33
CA THR A 31 -4.59 26.43 -6.90
C THR A 31 -4.23 25.03 -7.42
N ALA A 32 -5.17 24.42 -8.14
CA ALA A 32 -5.00 23.05 -8.65
C ALA A 32 -3.76 22.84 -9.52
N PRO A 33 -3.40 23.84 -10.34
CA PRO A 33 -2.17 23.70 -11.12
C PRO A 33 -0.90 23.42 -10.32
N VAL A 34 -0.85 23.87 -9.07
CA VAL A 34 0.22 23.57 -8.16
C VAL A 34 0.00 22.19 -7.53
N TRP A 35 -1.07 22.02 -6.75
CA TRP A 35 -1.17 20.86 -5.87
C TRP A 35 -1.47 19.56 -6.59
N VAL A 36 -2.21 19.60 -7.70
CA VAL A 36 -2.61 18.35 -8.37
C VAL A 36 -1.37 17.67 -8.93
N LYS A 37 -0.53 18.44 -9.60
CA LYS A 37 0.70 17.94 -10.16
C LYS A 37 1.54 17.30 -9.05
N GLU A 38 1.61 17.96 -7.90
CA GLU A 38 2.46 17.48 -6.82
C GLU A 38 1.97 16.18 -6.25
N MSE A 39 0.66 16.10 -6.02
CA MSE A 39 0.05 14.90 -5.44
C MSE A 39 0.09 13.69 -6.40
O MSE A 39 0.34 12.56 -5.97
CB MSE A 39 -1.39 15.20 -4.99
CG MSE A 39 -1.46 16.15 -3.86
SE MSE A 39 -3.22 16.38 -3.08
CE MSE A 39 -3.33 14.86 -1.79
N LYS A 40 -0.13 13.92 -7.68
CA LYS A 40 -0.09 12.85 -8.63
C LYS A 40 1.30 12.33 -8.78
N SER A 41 2.31 13.21 -8.69
CA SER A 41 3.70 12.77 -8.78
C SER A 41 4.06 11.89 -7.57
N ARG A 42 3.25 11.96 -6.52
CA ARG A 42 3.41 11.14 -5.32
C ARG A 42 2.44 9.98 -5.22
N GLY A 43 1.66 9.76 -6.29
CA GLY A 43 0.76 8.59 -6.35
C GLY A 43 -0.73 8.80 -6.10
N LEU A 44 -1.18 10.04 -6.05
CA LEU A 44 -2.60 10.37 -6.18
C LEU A 44 -3.07 9.92 -7.54
N LEU A 45 -4.12 9.10 -7.57
CA LEU A 45 -4.68 8.65 -8.85
C LEU A 45 -5.78 9.62 -9.35
N LYS A 46 -6.58 10.14 -8.43
CA LYS A 46 -7.73 10.95 -8.76
C LYS A 46 -8.14 11.78 -7.57
N PHE A 47 -8.60 13.00 -7.87
CA PHE A 47 -9.26 13.86 -6.88
C PHE A 47 -10.68 14.25 -7.38
N SER A 48 -11.63 14.43 -6.44
CA SER A 48 -12.97 14.97 -6.80
C SER A 48 -13.51 15.77 -5.69
N MSE A 49 -14.29 16.80 -6.02
CA MSE A 49 -15.03 17.60 -5.03
C MSE A 49 -16.50 17.47 -5.40
O MSE A 49 -16.87 17.56 -6.55
CB MSE A 49 -14.53 19.07 -5.00
CG MSE A 49 -15.25 20.00 -4.09
SE MSE A 49 -13.93 21.40 -3.73
CE MSE A 49 -13.54 21.78 -5.68
N ASN A 50 -17.37 17.31 -4.38
CA ASN A 50 -18.77 16.87 -4.62
C ASN A 50 -19.64 17.64 -3.74
N ARG A 51 -20.67 18.30 -4.27
CA ARG A 51 -21.54 19.16 -3.44
C ARG A 51 -22.64 18.25 -2.93
N VAL A 52 -22.90 18.27 -1.62
CA VAL A 52 -23.89 17.39 -1.02
C VAL A 52 -25.23 18.14 -1.07
N TRP A 53 -26.23 17.57 -1.74
CA TRP A 53 -27.52 18.27 -1.91
C TRP A 53 -28.72 17.69 -1.10
N ASN A 54 -28.53 16.55 -0.43
CA ASN A 54 -29.61 15.85 0.28
C ASN A 54 -29.62 15.96 1.77
N LYS A 55 -28.89 16.92 2.32
CA LYS A 55 -28.81 17.11 3.77
C LYS A 55 -29.45 18.39 4.17
N GLY A 56 -30.32 18.91 3.29
CA GLY A 56 -31.15 20.05 3.71
C GLY A 56 -30.31 21.31 3.63
N GLU A 57 -30.39 22.14 4.64
CA GLU A 57 -29.79 23.47 4.57
C GLU A 57 -28.32 23.47 5.06
N VAL A 58 -27.47 22.74 4.38
CA VAL A 58 -26.08 22.71 4.78
C VAL A 58 -25.25 23.06 3.58
N PHE A 59 -24.05 23.54 3.85
CA PHE A 59 -23.12 23.89 2.81
C PHE A 59 -21.94 22.96 2.86
N ARG A 60 -21.81 22.00 1.94
CA ARG A 60 -20.95 20.91 2.27
C ARG A 60 -20.46 20.24 0.99
N VAL A 61 -19.19 19.97 0.99
CA VAL A 61 -18.57 19.20 -0.12
C VAL A 61 -17.91 18.02 0.45
N VAL A 62 -17.87 16.94 -0.33
CA VAL A 62 -17.00 15.84 0.00
C VAL A 62 -15.90 15.79 -1.06
N MSE A 63 -14.66 15.75 -0.58
CA MSE A 63 -13.47 15.64 -1.38
C MSE A 63 -12.90 14.21 -1.33
O MSE A 63 -12.70 13.63 -0.23
CB MSE A 63 -12.49 16.68 -0.88
CG MSE A 63 -13.03 18.10 -1.14
SE MSE A 63 -11.63 19.37 -0.63
CE MSE A 63 -11.71 19.23 1.24
N THR A 64 -12.65 13.60 -2.46
CA THR A 64 -12.16 12.28 -2.43
C THR A 64 -10.72 12.32 -2.99
N TYR A 65 -9.81 11.63 -2.30
CA TYR A 65 -8.42 11.45 -2.74
C TYR A 65 -8.19 9.97 -2.97
N GLU A 66 -7.95 9.56 -4.19
CA GLU A 66 -7.76 8.17 -4.47
C GLU A 66 -6.26 7.92 -4.69
N TYR A 67 -5.64 7.19 -3.77
CA TYR A 67 -4.23 6.87 -3.85
C TYR A 67 -3.94 5.44 -4.32
N LYS A 68 -2.76 5.26 -4.90
CA LYS A 68 -2.31 3.97 -5.42
C LYS A 68 -2.23 2.93 -4.31
N ASP A 69 -1.82 3.37 -3.12
CA ASP A 69 -1.47 2.44 -2.03
C ASP A 69 -1.14 3.20 -0.79
N ARG A 70 -0.79 2.49 0.27
CA ARG A 70 -0.40 3.09 1.57
C ARG A 70 0.79 4.05 1.47
N ALA A 71 1.84 3.65 0.75
CA ALA A 71 3.03 4.50 0.59
C ALA A 71 2.70 5.79 -0.12
N SER A 72 1.80 5.72 -1.11
CA SER A 72 1.42 6.93 -1.85
C SER A 72 0.57 7.84 -0.99
N PHE A 73 -0.35 7.27 -0.23
CA PHE A 73 -1.12 8.03 0.77
C PHE A 73 -0.18 8.77 1.72
N GLU A 74 0.79 8.04 2.29
CA GLU A 74 1.72 8.62 3.25
C GLU A 74 2.57 9.75 2.66
N ALA A 75 3.05 9.59 1.43
CA ALA A 75 3.85 10.61 0.76
C ALA A 75 3.02 11.85 0.50
N ASN A 76 1.75 11.66 0.23
CA ASN A 76 0.84 12.76 -0.01
C ASN A 76 0.47 13.56 1.24
N ILE A 77 0.20 12.89 2.36
CA ILE A 77 0.05 13.54 3.67
C ILE A 77 1.30 14.31 4.08
N ALA A 78 2.46 13.73 3.81
CA ALA A 78 3.73 14.38 4.06
C ALA A 78 3.82 15.69 3.27
N TYR A 79 3.50 15.61 1.99
CA TYR A 79 3.52 16.76 1.10
C TYR A 79 2.55 17.82 1.61
N LEU A 80 1.34 17.41 1.98
CA LEU A 80 0.35 18.40 2.37
C LEU A 80 0.72 19.07 3.68
N GLU A 81 1.17 18.31 4.69
CA GLU A 81 1.50 18.90 5.99
C GLU A 81 2.70 19.85 5.83
N ASP A 82 3.64 19.46 4.99
CA ASP A 82 4.79 20.31 4.63
C ASP A 82 4.35 21.64 4.04
N THR A 83 3.49 21.54 3.04
CA THR A 83 3.05 22.65 2.19
C THR A 83 2.03 23.56 2.85
N PHE A 84 0.77 23.12 2.90
CA PHE A 84 -0.34 23.94 3.36
C PHE A 84 -0.26 24.18 4.88
N GLY A 85 0.33 23.24 5.60
CA GLY A 85 0.56 23.41 7.03
C GLY A 85 1.57 24.51 7.32
N LYS A 86 2.70 24.45 6.62
CA LYS A 86 3.79 25.43 6.80
C LYS A 86 3.81 26.55 5.71
N ASN A 87 2.72 26.62 4.93
CA ASN A 87 2.29 27.86 4.19
C ASN A 87 0.86 28.23 4.60
N PRO A 88 0.70 28.77 5.81
CA PRO A 88 -0.55 29.46 6.14
C PRO A 88 -0.43 31.00 6.07
N VAL A 89 -1.38 31.76 5.51
CA VAL A 89 -2.26 31.44 4.38
C VAL A 89 -3.41 30.42 4.32
N PHE A 90 -3.13 29.22 3.80
CA PHE A 90 -4.14 28.16 3.74
C PHE A 90 -4.92 28.01 5.07
N LEU A 91 -4.22 28.10 6.20
CA LEU A 91 -4.85 27.98 7.52
C LEU A 91 -6.01 28.96 7.75
N GLN A 92 -5.78 30.26 7.50
CA GLN A 92 -6.86 31.27 7.53
C GLN A 92 -8.10 30.91 6.67
N LEU A 93 -7.90 30.41 5.45
CA LEU A 93 -9.07 30.03 4.62
C LEU A 93 -9.92 28.96 5.32
N VAL A 94 -9.29 27.86 5.64
CA VAL A 94 -9.97 26.77 6.30
C VAL A 94 -10.48 27.11 7.72
N THR A 95 -10.39 28.36 8.16
CA THR A 95 -10.58 28.72 9.57
C THR A 95 -12.03 28.78 10.01
N THR A 96 -12.95 28.96 9.08
CA THR A 96 -14.36 28.96 9.44
C THR A 96 -15.07 27.65 8.98
N ALA A 97 -14.51 26.96 7.97
CA ALA A 97 -14.86 25.57 7.68
C ALA A 97 -14.56 24.56 8.81
N LYS A 98 -15.31 23.45 8.83
CA LYS A 98 -15.09 22.32 9.75
C LYS A 98 -14.79 21.18 8.84
N PHE A 99 -13.72 20.42 9.09
CA PHE A 99 -13.33 19.34 8.08
C PHE A 99 -13.29 18.07 8.87
N THR A 100 -13.75 16.96 8.29
N THR A 100 -13.77 16.97 8.30
CA THR A 100 -13.59 15.66 8.94
CA THR A 100 -13.61 15.65 8.90
C THR A 100 -13.24 14.67 7.84
C THR A 100 -13.15 14.76 7.79
N THR A 101 -12.24 13.83 8.08
CA THR A 101 -11.76 12.88 7.06
C THR A 101 -11.95 11.43 7.47
N SER A 102 -12.46 10.63 6.55
CA SER A 102 -12.51 9.22 6.74
C SER A 102 -11.50 8.62 5.81
N ARG A 103 -10.45 8.06 6.39
N ARG A 103 -10.44 8.07 6.39
CA ARG A 103 -9.39 7.40 5.62
CA ARG A 103 -9.38 7.41 5.62
C ARG A 103 -9.64 5.90 5.57
C ARG A 103 -9.65 5.91 5.57
N CYS A 104 -9.56 5.35 4.36
CA CYS A 104 -9.98 3.98 4.05
C CYS A 104 -8.96 3.19 3.24
N LEU A 105 -9.12 1.87 3.28
CA LEU A 105 -8.55 0.92 2.33
C LEU A 105 -9.67 0.47 1.45
N VAL A 106 -9.36 0.25 0.18
CA VAL A 106 -10.36 -0.25 -0.78
C VAL A 106 -10.50 -1.76 -0.57
N VAL A 107 -11.72 -2.18 -0.25
CA VAL A 107 -12.07 -3.59 -0.09
C VAL A 107 -12.43 -4.21 -1.47
N MSE A 108 -13.27 -3.51 -2.23
N MSE A 108 -13.25 -3.50 -2.24
CA MSE A 108 -13.72 -3.97 -3.54
CA MSE A 108 -13.70 -3.99 -3.54
C MSE A 108 -13.90 -2.77 -4.46
C MSE A 108 -13.93 -2.80 -4.46
O MSE A 108 -14.21 -1.69 -4.00
O MSE A 108 -14.30 -1.74 -3.99
CB MSE A 108 -15.04 -4.73 -3.39
CB MSE A 108 -15.01 -4.76 -3.34
CG MSE A 108 -16.20 -4.37 -4.35
CG MSE A 108 -15.33 -5.80 -4.41
SE MSE A 108 -17.72 -5.57 -3.93
SE MSE A 108 -17.17 -5.56 -5.04
CE MSE A 108 -17.79 -5.34 -2.03
CE MSE A 108 -16.67 -4.19 -6.29
N GLU A 109 -13.69 -2.97 -5.76
CA GLU A 109 -14.05 -1.92 -6.73
C GLU A 109 -14.37 -2.52 -8.07
N VAL A 110 -15.29 -1.90 -8.80
CA VAL A 110 -15.75 -2.45 -10.07
C VAL A 110 -16.27 -1.28 -10.92
N ALA B 3 -24.14 20.67 -20.38
CA ALA B 3 -25.58 20.43 -20.09
C ALA B 3 -25.73 19.61 -18.78
N GLU B 4 -24.95 18.53 -18.62
CA GLU B 4 -25.31 17.43 -17.72
C GLU B 4 -24.29 17.16 -16.58
N PRO B 5 -24.58 17.55 -15.33
CA PRO B 5 -23.67 17.15 -14.24
C PRO B 5 -23.63 15.64 -13.93
N LYS B 6 -22.48 15.18 -13.42
CA LYS B 6 -22.38 13.85 -12.90
C LYS B 6 -22.85 13.85 -11.45
N PHE B 7 -23.33 12.67 -11.04
CA PHE B 7 -23.85 12.40 -9.70
C PHE B 7 -23.02 11.33 -9.00
N THR B 8 -22.70 11.54 -7.72
CA THR B 8 -22.03 10.53 -6.92
C THR B 8 -22.68 10.48 -5.54
N SER B 9 -22.90 9.28 -5.05
CA SER B 9 -23.43 8.99 -3.72
C SER B 9 -22.40 8.29 -2.86
N PHE B 10 -22.36 8.68 -1.58
CA PHE B 10 -21.49 8.11 -0.57
C PHE B 10 -22.40 7.57 0.53
N THR B 11 -22.42 6.25 0.67
CA THR B 11 -23.13 5.57 1.72
C THR B 11 -22.16 4.98 2.72
N THR B 12 -22.30 5.45 3.95
CA THR B 12 -21.57 4.97 5.10
C THR B 12 -22.45 3.94 5.84
N ALA B 13 -21.91 2.73 6.01
CA ALA B 13 -22.55 1.64 6.71
C ALA B 13 -21.74 1.33 7.96
N ASP B 14 -22.37 1.45 9.13
CA ASP B 14 -21.75 1.22 10.41
C ASP B 14 -22.34 -0.02 11.09
N PHE B 15 -21.48 -0.93 11.56
CA PHE B 15 -21.89 -2.21 12.14
C PHE B 15 -21.51 -2.35 13.60
N ILE B 16 -22.31 -3.12 14.33
CA ILE B 16 -22.07 -3.35 15.77
C ILE B 16 -20.72 -4.04 16.03
N ASN B 17 -20.37 -4.98 15.15
CA ASN B 17 -19.19 -5.80 15.35
C ASN B 17 -18.66 -6.27 14.03
N ASP B 18 -17.55 -7.00 14.08
CA ASP B 18 -16.91 -7.52 12.91
C ASP B 18 -17.74 -8.61 12.20
N VAL B 19 -18.35 -9.49 12.97
CA VAL B 19 -19.15 -10.57 12.38
C VAL B 19 -20.21 -9.99 11.43
N ASP B 20 -21.00 -9.02 11.91
CA ASP B 20 -22.03 -8.34 11.12
C ASP B 20 -21.49 -7.66 9.84
N MSE B 21 -20.37 -6.93 9.97
CA MSE B 21 -19.77 -6.27 8.82
C MSE B 21 -19.26 -7.28 7.81
O MSE B 21 -19.43 -7.11 6.60
CB MSE B 21 -18.61 -5.38 9.29
CG MSE B 21 -17.98 -4.54 8.20
SE MSE B 21 -16.33 -3.74 8.79
CE MSE B 21 -15.31 -5.37 9.19
N GLU B 22 -18.58 -8.32 8.28
CA GLU B 22 -18.07 -9.35 7.39
C GLU B 22 -19.21 -10.08 6.69
N LEU B 23 -20.31 -10.36 7.36
CA LEU B 23 -21.48 -10.94 6.66
C LEU B 23 -21.99 -10.06 5.50
N PHE B 24 -22.15 -8.77 5.76
CA PHE B 24 -22.51 -7.78 4.72
C PHE B 24 -21.52 -7.73 3.56
N ILE B 25 -20.25 -7.48 3.86
CA ILE B 25 -19.23 -7.46 2.82
C ILE B 25 -19.24 -8.71 1.96
N ASP B 26 -19.26 -9.88 2.58
CA ASP B 26 -19.24 -11.16 1.85
C ASP B 26 -20.46 -11.28 0.93
N ALA B 27 -21.62 -10.87 1.44
CA ALA B 27 -22.88 -10.91 0.72
C ALA B 27 -22.84 -9.98 -0.48
N VAL B 28 -22.39 -8.74 -0.25
CA VAL B 28 -22.18 -7.73 -1.31
C VAL B 28 -21.20 -8.28 -2.39
N GLU B 29 -20.06 -8.83 -1.98
CA GLU B 29 -19.08 -9.35 -2.96
C GLU B 29 -19.60 -10.53 -3.76
N LYS B 30 -20.24 -11.46 -3.06
CA LYS B 30 -20.75 -12.70 -3.65
C LYS B 30 -21.82 -12.42 -4.70
N THR B 31 -22.68 -11.45 -4.44
CA THR B 31 -23.81 -11.15 -5.34
C THR B 31 -23.51 -10.12 -6.40
N ALA B 32 -22.34 -9.49 -6.34
CA ALA B 32 -21.92 -8.44 -7.29
C ALA B 32 -22.17 -8.75 -8.78
N PRO B 33 -21.89 -9.98 -9.24
CA PRO B 33 -22.13 -10.31 -10.63
C PRO B 33 -23.53 -10.00 -11.15
N VAL B 34 -24.53 -10.02 -10.27
CA VAL B 34 -25.89 -9.63 -10.63
C VAL B 34 -26.12 -8.13 -10.46
N TRP B 35 -25.92 -7.58 -9.27
CA TRP B 35 -26.31 -6.18 -9.04
C TRP B 35 -25.41 -5.18 -9.75
N VAL B 36 -24.14 -5.52 -9.96
CA VAL B 36 -23.25 -4.64 -10.75
C VAL B 36 -23.67 -4.60 -12.22
N LYS B 37 -24.00 -5.76 -12.80
CA LYS B 37 -24.43 -5.77 -14.20
C LYS B 37 -25.65 -4.88 -14.39
N GLU B 38 -26.59 -5.00 -13.47
CA GLU B 38 -27.83 -4.24 -13.48
C GLU B 38 -27.59 -2.75 -13.30
N MSE B 39 -26.71 -2.40 -12.39
CA MSE B 39 -26.46 -0.98 -12.09
C MSE B 39 -25.70 -0.31 -13.23
O MSE B 39 -26.01 0.82 -13.61
CB MSE B 39 -25.78 -0.82 -10.73
CG MSE B 39 -26.69 -1.17 -9.50
SE MSE B 39 -25.83 -0.53 -7.92
CE MSE B 39 -26.40 1.31 -8.06
N LYS B 40 -24.72 -1.00 -13.81
CA LYS B 40 -24.00 -0.53 -14.99
C LYS B 40 -24.88 -0.41 -16.24
N SER B 41 -25.77 -1.39 -16.47
CA SER B 41 -26.77 -1.21 -17.52
C SER B 41 -27.58 0.09 -17.32
N ARG B 42 -27.67 0.63 -16.11
CA ARG B 42 -28.40 1.88 -15.84
C ARG B 42 -27.49 3.11 -15.67
N GLY B 43 -26.20 2.98 -15.97
CA GLY B 43 -25.32 4.11 -16.00
C GLY B 43 -24.51 4.36 -14.73
N LEU B 44 -24.33 3.34 -13.89
CA LEU B 44 -23.32 3.37 -12.87
C LEU B 44 -21.98 3.26 -13.58
N LEU B 45 -21.10 4.21 -13.33
CA LEU B 45 -19.75 4.17 -13.89
C LEU B 45 -18.81 3.31 -13.08
N LYS B 46 -18.91 3.41 -11.77
CA LYS B 46 -17.98 2.75 -10.87
C LYS B 46 -18.61 2.61 -9.50
N PHE B 47 -18.29 1.50 -8.82
CA PHE B 47 -18.62 1.33 -7.42
C PHE B 47 -17.36 1.00 -6.65
N SER B 48 -17.27 1.49 -5.42
CA SER B 48 -16.24 1.01 -4.54
C SER B 48 -16.74 0.87 -3.13
N MSE B 49 -16.08 -0.03 -2.39
N MSE B 49 -16.14 -0.08 -2.40
CA MSE B 49 -16.37 -0.33 -0.99
CA MSE B 49 -16.37 -0.24 -0.98
C MSE B 49 -15.05 -0.16 -0.23
C MSE B 49 -15.04 -0.07 -0.27
O MSE B 49 -14.03 -0.74 -0.59
O MSE B 49 -14.01 -0.58 -0.72
CB MSE B 49 -16.94 -1.77 -0.91
CB MSE B 49 -16.99 -1.60 -0.66
CG MSE B 49 -17.61 -2.10 0.39
CG MSE B 49 -17.10 -1.86 0.82
SE MSE B 49 -18.94 -3.56 0.39
SE MSE B 49 -18.16 -3.42 1.27
CE MSE B 49 -19.40 -3.29 2.24
CE MSE B 49 -17.77 -4.53 -0.30
N ASN B 50 -15.08 0.65 0.84
CA ASN B 50 -13.88 1.19 1.42
C ASN B 50 -13.97 1.07 2.92
N ARG B 51 -12.99 0.42 3.53
CA ARG B 51 -13.05 0.13 4.96
C ARG B 51 -12.36 1.25 5.73
N VAL B 52 -13.05 1.82 6.70
CA VAL B 52 -12.58 3.01 7.42
C VAL B 52 -11.55 2.56 8.46
N TRP B 53 -10.35 3.16 8.47
CA TRP B 53 -9.30 2.74 9.42
C TRP B 53 -8.83 3.78 10.44
N ASN B 54 -9.24 5.02 10.31
CA ASN B 54 -8.75 6.10 11.19
C ASN B 54 -9.76 6.58 12.24
N LYS B 55 -10.80 5.80 12.50
CA LYS B 55 -11.84 6.21 13.45
C LYS B 55 -11.93 5.29 14.67
N GLY B 56 -10.84 4.58 14.97
CA GLY B 56 -10.80 3.68 16.13
C GLY B 56 -11.33 2.28 15.86
N GLU B 57 -11.83 1.62 16.93
CA GLU B 57 -12.48 0.29 16.84
C GLU B 57 -13.94 0.39 16.45
N VAL B 58 -14.16 0.76 15.21
CA VAL B 58 -15.47 0.80 14.59
C VAL B 58 -15.44 -0.14 13.39
N PHE B 59 -16.60 -0.56 12.95
CA PHE B 59 -16.72 -1.49 11.83
C PHE B 59 -17.57 -0.78 10.81
N ARG B 60 -16.90 -0.10 9.90
CA ARG B 60 -17.51 0.90 9.07
C ARG B 60 -16.94 0.83 7.65
N VAL B 61 -17.82 0.87 6.67
CA VAL B 61 -17.41 1.01 5.28
C VAL B 61 -18.08 2.24 4.67
N VAL B 62 -17.38 2.85 3.72
CA VAL B 62 -17.96 3.88 2.86
C VAL B 62 -18.05 3.26 1.50
N MSE B 63 -19.26 3.23 0.93
CA MSE B 63 -19.50 2.78 -0.43
C MSE B 63 -19.74 3.96 -1.34
O MSE B 63 -20.48 4.90 -0.97
CB MSE B 63 -20.70 1.83 -0.52
CG MSE B 63 -20.39 0.42 0.01
SE MSE B 63 -22.00 -0.63 0.37
CE MSE B 63 -22.79 0.55 1.64
N THR B 64 -19.12 3.93 -2.52
CA THR B 64 -19.22 5.01 -3.47
C THR B 64 -19.89 4.55 -4.74
N TYR B 65 -20.89 5.32 -5.15
CA TYR B 65 -21.62 5.10 -6.42
C TYR B 65 -21.45 6.31 -7.30
N GLU B 66 -20.80 6.09 -8.45
CA GLU B 66 -20.53 7.13 -9.43
C GLU B 66 -21.39 6.90 -10.65
N TYR B 67 -22.32 7.82 -10.86
CA TYR B 67 -23.27 7.82 -12.00
C TYR B 67 -22.90 8.77 -13.13
N LYS B 68 -23.30 8.43 -14.37
CA LYS B 68 -22.99 9.20 -15.53
C LYS B 68 -23.71 10.58 -15.49
N ASP B 69 -24.91 10.60 -14.96
CA ASP B 69 -25.80 11.74 -15.11
C ASP B 69 -27.03 11.54 -14.20
N ARG B 70 -27.94 12.50 -14.21
CA ARG B 70 -29.13 12.42 -13.37
C ARG B 70 -30.00 11.21 -13.67
N ALA B 71 -30.15 10.89 -14.94
CA ALA B 71 -31.03 9.82 -15.35
C ALA B 71 -30.54 8.46 -14.84
N SER B 72 -29.20 8.30 -14.78
CA SER B 72 -28.58 7.09 -14.27
C SER B 72 -28.73 6.96 -12.77
N PHE B 73 -28.52 8.08 -12.08
CA PHE B 73 -28.76 8.19 -10.66
C PHE B 73 -30.19 7.76 -10.32
N GLU B 74 -31.18 8.40 -10.95
CA GLU B 74 -32.57 8.09 -10.73
C GLU B 74 -32.93 6.61 -11.00
N ALA B 75 -32.42 6.09 -12.11
CA ALA B 75 -32.67 4.70 -12.50
C ALA B 75 -32.08 3.69 -11.53
N ASN B 76 -30.90 4.01 -11.01
CA ASN B 76 -30.21 3.17 -10.06
C ASN B 76 -30.84 3.24 -8.65
N ILE B 77 -31.36 4.40 -8.22
CA ILE B 77 -32.15 4.52 -6.98
C ILE B 77 -33.38 3.63 -7.03
N ALA B 78 -34.14 3.70 -8.11
CA ALA B 78 -35.28 2.81 -8.35
C ALA B 78 -34.85 1.34 -8.25
N TYR B 79 -33.75 0.97 -8.92
CA TYR B 79 -33.30 -0.43 -8.84
C TYR B 79 -32.94 -0.87 -7.40
N LEU B 80 -32.23 -0.02 -6.68
CA LEU B 80 -31.79 -0.34 -5.32
C LEU B 80 -32.99 -0.39 -4.36
N GLU B 81 -33.98 0.49 -4.55
CA GLU B 81 -35.22 0.45 -3.79
C GLU B 81 -35.93 -0.87 -4.01
N ASP B 82 -36.23 -1.18 -5.27
CA ASP B 82 -36.90 -2.41 -5.63
C ASP B 82 -36.19 -3.64 -5.11
N THR B 83 -34.87 -3.70 -5.26
CA THR B 83 -34.12 -4.93 -5.02
C THR B 83 -33.76 -5.12 -3.53
N PHE B 84 -33.44 -4.03 -2.85
CA PHE B 84 -32.92 -4.09 -1.49
C PHE B 84 -33.78 -3.29 -0.49
N GLY B 85 -34.05 -2.03 -0.82
CA GLY B 85 -34.66 -1.10 0.13
C GLY B 85 -36.05 -1.53 0.57
N LYS B 86 -36.78 -2.13 -0.36
CA LYS B 86 -38.13 -2.57 -0.12
C LYS B 86 -38.17 -4.09 0.13
N ASN B 87 -37.04 -4.71 0.43
CA ASN B 87 -36.97 -6.17 0.57
C ASN B 87 -36.74 -6.57 2.02
N PRO B 88 -37.79 -7.11 2.69
CA PRO B 88 -37.62 -7.27 4.16
C PRO B 88 -36.58 -8.31 4.55
N VAL B 89 -36.33 -9.32 3.70
CA VAL B 89 -35.26 -10.30 3.99
C VAL B 89 -33.88 -9.63 3.98
N PHE B 90 -33.56 -8.86 2.92
N PHE B 90 -33.60 -8.88 2.92
CA PHE B 90 -32.30 -8.06 2.91
CA PHE B 90 -32.36 -8.12 2.82
C PHE B 90 -32.25 -7.13 4.10
C PHE B 90 -32.22 -7.05 3.95
N LEU B 91 -33.31 -6.39 4.31
CA LEU B 91 -33.33 -5.43 5.43
C LEU B 91 -33.02 -6.12 6.78
N GLN B 92 -33.52 -7.34 6.95
CA GLN B 92 -33.26 -8.10 8.14
C GLN B 92 -31.78 -8.50 8.26
N LEU B 93 -31.14 -8.74 7.13
CA LEU B 93 -29.70 -9.04 7.09
C LEU B 93 -28.84 -7.95 7.74
N VAL B 94 -29.26 -6.71 7.59
CA VAL B 94 -28.50 -5.59 8.11
C VAL B 94 -29.27 -4.81 9.16
N THR B 95 -30.10 -5.53 9.91
CA THR B 95 -31.06 -4.89 10.80
C THR B 95 -30.46 -3.97 11.87
N THR B 96 -29.34 -4.36 12.47
CA THR B 96 -28.71 -3.51 13.49
C THR B 96 -27.65 -2.55 12.90
N ALA B 97 -27.43 -2.58 11.57
CA ALA B 97 -26.47 -1.69 10.93
C ALA B 97 -27.12 -0.33 10.76
N LYS B 98 -26.30 0.71 10.73
CA LYS B 98 -26.75 2.06 10.47
C LYS B 98 -26.19 2.52 9.12
N PHE B 99 -27.08 3.00 8.24
CA PHE B 99 -26.70 3.48 6.89
C PHE B 99 -27.08 4.93 6.71
N THR B 100 -26.16 5.69 6.11
N THR B 100 -26.18 5.68 6.09
CA THR B 100 -26.39 7.13 5.91
CA THR B 100 -26.39 7.11 5.89
C THR B 100 -25.75 7.51 4.61
C THR B 100 -25.77 7.45 4.57
N THR B 101 -26.52 8.11 3.70
CA THR B 101 -26.07 8.42 2.35
C THR B 101 -26.05 9.93 2.08
N SER B 102 -24.98 10.35 1.42
CA SER B 102 -24.79 11.70 0.92
C SER B 102 -24.79 11.64 -0.59
N ARG B 103 -25.79 12.32 -1.17
CA ARG B 103 -25.98 12.41 -2.61
C ARG B 103 -25.45 13.74 -3.11
N CYS B 104 -24.65 13.68 -4.17
CA CYS B 104 -23.80 14.75 -4.56
C CYS B 104 -23.84 15.04 -6.05
N LEU B 105 -23.58 16.31 -6.36
CA LEU B 105 -23.21 16.68 -7.74
C LEU B 105 -21.70 16.77 -7.82
N VAL B 106 -21.10 16.21 -8.87
CA VAL B 106 -19.68 16.37 -9.04
C VAL B 106 -19.32 17.80 -9.51
N VAL B 107 -18.52 18.50 -8.69
CA VAL B 107 -18.09 19.92 -8.89
C VAL B 107 -16.78 19.98 -9.69
N MSE B 108 -15.81 19.17 -9.28
N MSE B 108 -15.85 19.10 -9.37
CA MSE B 108 -14.54 19.06 -9.95
CA MSE B 108 -14.54 19.11 -9.96
C MSE B 108 -14.07 17.63 -9.90
C MSE B 108 -13.97 17.69 -9.86
O MSE B 108 -14.36 16.90 -8.95
O MSE B 108 -14.12 17.07 -8.84
CB MSE B 108 -13.48 19.97 -9.30
CB MSE B 108 -13.67 20.12 -9.19
CG MSE B 108 -12.04 19.47 -9.49
CG MSE B 108 -12.29 20.34 -9.73
SE MSE B 108 -10.68 20.70 -9.00
SE MSE B 108 -11.21 21.29 -8.41
CE MSE B 108 -11.62 21.67 -7.61
CE MSE B 108 -9.43 20.55 -8.93
N GLU B 109 -13.36 17.20 -10.94
CA GLU B 109 -12.60 15.97 -10.89
C GLU B 109 -11.32 16.12 -11.70
N VAL B 110 -10.21 15.66 -11.13
CA VAL B 110 -8.92 15.59 -11.87
C VAL B 110 -8.25 14.23 -11.75
N GLU C 4 7.04 -13.79 -17.65
CA GLU C 4 6.26 -13.08 -16.59
C GLU C 4 7.11 -12.80 -15.33
N PRO C 5 7.08 -11.53 -14.84
CA PRO C 5 7.97 -11.14 -13.76
C PRO C 5 7.79 -11.87 -12.44
N LYS C 6 8.90 -12.26 -11.86
CA LYS C 6 8.95 -12.92 -10.56
C LYS C 6 8.83 -11.84 -9.54
N PHE C 7 8.18 -12.15 -8.41
CA PHE C 7 7.95 -11.23 -7.32
C PHE C 7 8.76 -11.69 -6.10
N THR C 8 9.36 -10.75 -5.36
CA THR C 8 10.16 -11.03 -4.17
C THR C 8 9.87 -9.98 -3.16
N SER C 9 9.62 -10.41 -1.94
CA SER C 9 9.33 -9.48 -0.85
C SER C 9 10.41 -9.63 0.22
N PHE C 10 10.71 -8.51 0.88
CA PHE C 10 11.71 -8.39 1.95
C PHE C 10 11.02 -7.76 3.09
N THR C 11 10.83 -8.53 4.16
CA THR C 11 10.31 -8.01 5.41
C THR C 11 11.36 -7.88 6.46
N THR C 12 11.42 -6.67 7.03
CA THR C 12 12.36 -6.34 8.08
C THR C 12 11.55 -6.26 9.35
N ALA C 13 12.04 -6.90 10.42
CA ALA C 13 11.35 -7.04 11.70
C ALA C 13 12.28 -6.60 12.79
N ASP C 14 11.90 -5.53 13.47
N ASP C 14 11.95 -5.49 13.45
CA ASP C 14 12.68 -4.99 14.59
CA ASP C 14 12.77 -4.93 14.53
C ASP C 14 12.01 -5.21 15.90
C ASP C 14 12.06 -5.18 15.87
N PHE C 15 12.76 -5.73 16.86
CA PHE C 15 12.19 -6.12 18.17
C PHE C 15 12.86 -5.27 19.16
N ILE C 16 12.26 -5.07 20.35
CA ILE C 16 12.84 -4.22 21.35
C ILE C 16 14.06 -4.83 22.08
N ASN C 17 14.25 -6.15 21.99
CA ASN C 17 15.27 -6.82 22.80
C ASN C 17 15.49 -8.20 22.27
N ASP C 18 16.48 -8.91 22.80
CA ASP C 18 16.93 -10.17 22.16
C ASP C 18 15.91 -11.29 22.40
N VAL C 19 15.37 -11.31 23.60
CA VAL C 19 14.36 -12.26 24.00
C VAL C 19 13.18 -12.21 23.03
N ASP C 20 12.66 -11.00 22.80
CA ASP C 20 11.52 -10.83 21.91
C ASP C 20 11.84 -11.30 20.53
N MSE C 21 13.04 -10.99 20.05
CA MSE C 21 13.42 -11.48 18.72
C MSE C 21 13.57 -12.99 18.64
O MSE C 21 13.15 -13.61 17.67
CB MSE C 21 14.73 -10.87 18.24
CG MSE C 21 15.20 -11.33 16.83
SE MSE C 21 17.05 -10.76 16.63
CE MSE C 21 17.89 -11.78 18.06
N GLU C 22 14.22 -13.59 19.63
CA GLU C 22 14.46 -15.04 19.58
C GLU C 22 13.14 -15.78 19.67
N LEU C 23 12.18 -15.23 20.42
CA LEU C 23 10.85 -15.82 20.51
C LEU C 23 10.20 -15.91 19.14
N PHE C 24 10.39 -14.86 18.33
CA PHE C 24 9.84 -14.82 16.96
C PHE C 24 10.56 -15.82 16.06
N ILE C 25 11.89 -15.86 16.08
CA ILE C 25 12.63 -16.79 15.24
C ILE C 25 12.17 -18.23 15.54
N ASP C 26 12.15 -18.54 16.83
CA ASP C 26 11.67 -19.83 17.36
C ASP C 26 10.28 -20.19 16.84
N ALA C 27 9.35 -19.23 16.90
CA ALA C 27 8.00 -19.46 16.43
C ALA C 27 7.96 -19.74 14.95
N VAL C 28 8.73 -18.99 14.17
CA VAL C 28 8.75 -19.18 12.70
C VAL C 28 9.30 -20.55 12.34
N GLU C 29 10.35 -20.96 13.04
CA GLU C 29 10.96 -22.27 12.80
C GLU C 29 10.05 -23.45 13.14
N LYS C 30 9.45 -23.38 14.33
CA LYS C 30 8.60 -24.43 14.86
C LYS C 30 7.28 -24.58 14.13
N THR C 31 6.82 -23.52 13.48
CA THR C 31 5.60 -23.63 12.69
C THR C 31 5.82 -23.93 11.21
N ALA C 32 7.10 -23.94 10.80
CA ALA C 32 7.48 -24.25 9.42
C ALA C 32 6.76 -25.50 8.83
N PRO C 33 6.68 -26.62 9.57
CA PRO C 33 5.97 -27.76 8.99
C PRO C 33 4.52 -27.51 8.56
N VAL C 34 3.86 -26.49 9.11
CA VAL C 34 2.53 -26.14 8.62
C VAL C 34 2.63 -25.15 7.44
N TRP C 35 3.36 -24.04 7.58
CA TRP C 35 3.22 -22.93 6.62
C TRP C 35 4.08 -23.01 5.36
N VAL C 36 5.25 -23.61 5.46
CA VAL C 36 6.11 -23.74 4.27
C VAL C 36 5.44 -24.52 3.12
N LYS C 37 4.83 -25.67 3.42
CA LYS C 37 4.22 -26.52 2.41
C LYS C 37 3.07 -25.79 1.75
N GLU C 38 2.32 -25.04 2.54
CA GLU C 38 1.19 -24.29 2.06
C GLU C 38 1.64 -23.19 1.13
N MSE C 39 2.64 -22.43 1.58
CA MSE C 39 3.20 -21.36 0.76
C MSE C 39 3.79 -21.91 -0.56
O MSE C 39 3.52 -21.36 -1.63
CB MSE C 39 4.19 -20.51 1.57
CG MSE C 39 3.48 -19.61 2.57
SE MSE C 39 4.71 -18.35 3.32
CE MSE C 39 4.42 -16.77 2.20
N LYS C 40 4.51 -23.02 -0.50
CA LYS C 40 5.09 -23.61 -1.69
C LYS C 40 4.04 -24.11 -2.70
N SER C 41 2.91 -24.63 -2.21
CA SER C 41 1.84 -25.05 -3.09
C SER C 41 1.20 -23.87 -3.82
N ARG C 42 1.34 -22.68 -3.24
CA ARG C 42 0.88 -21.42 -3.81
C ARG C 42 1.96 -20.56 -4.51
N GLY C 43 3.10 -21.19 -4.82
CA GLY C 43 4.14 -20.57 -5.65
C GLY C 43 5.29 -19.88 -4.98
N LEU C 44 5.41 -20.01 -3.65
CA LEU C 44 6.64 -19.61 -2.95
C LEU C 44 7.78 -20.51 -3.38
N LEU C 45 8.81 -19.91 -3.96
CA LEU C 45 10.02 -20.64 -4.38
C LEU C 45 11.01 -20.79 -3.20
N LYS C 46 11.16 -19.78 -2.36
CA LYS C 46 12.09 -19.88 -1.25
C LYS C 46 11.82 -18.83 -0.24
N PHE C 47 12.08 -19.16 1.06
CA PHE C 47 12.00 -18.26 2.20
C PHE C 47 13.36 -18.35 2.82
N SER C 48 13.84 -17.22 3.31
CA SER C 48 14.98 -17.27 4.16
C SER C 48 14.72 -16.27 5.24
N MSE C 49 15.38 -16.51 6.33
CA MSE C 49 15.35 -15.63 7.48
C MSE C 49 16.81 -15.33 7.85
O MSE C 49 17.64 -16.23 7.92
CB MSE C 49 14.61 -16.31 8.61
CG MSE C 49 14.47 -15.43 9.79
SE MSE C 49 13.03 -15.89 11.05
CE MSE C 49 13.48 -17.85 11.08
N ASN C 50 17.10 -14.06 8.10
CA ASN C 50 18.50 -13.60 8.03
C ASN C 50 18.63 -12.62 9.12
N ARG C 51 19.60 -12.82 10.01
CA ARG C 51 19.73 -11.88 11.13
C ARG C 51 20.76 -10.79 10.84
N VAL C 52 20.47 -9.53 11.27
CA VAL C 52 21.25 -8.38 10.80
C VAL C 52 22.34 -8.17 11.79
N TRP C 53 23.60 -8.16 11.31
CA TRP C 53 24.73 -7.91 12.21
C TRP C 53 25.48 -6.58 12.13
N ASN C 54 25.29 -5.78 11.06
CA ASN C 54 26.02 -4.51 10.87
C ASN C 54 25.30 -3.23 11.31
N LYS C 55 24.32 -3.34 12.20
CA LYS C 55 23.59 -2.15 12.68
C LYS C 55 23.69 -1.97 14.19
N GLY C 56 24.65 -2.68 14.80
CA GLY C 56 24.91 -2.58 16.23
C GLY C 56 23.87 -3.37 17.00
N GLU C 57 23.62 -2.95 18.24
CA GLU C 57 22.78 -3.68 19.18
C GLU C 57 21.30 -3.58 18.87
N VAL C 58 20.99 -3.99 17.67
CA VAL C 58 19.65 -3.98 17.16
C VAL C 58 19.26 -5.43 17.06
N PHE C 59 17.95 -5.66 17.09
CA PHE C 59 17.41 -7.00 17.09
C PHE C 59 16.47 -6.99 15.91
N ARG C 60 17.06 -7.33 14.77
CA ARG C 60 16.45 -7.19 13.47
C ARG C 60 16.62 -8.42 12.64
N VAL C 61 15.53 -8.89 12.04
CA VAL C 61 15.71 -9.90 10.96
C VAL C 61 15.14 -9.37 9.68
N VAL C 62 15.58 -9.97 8.55
CA VAL C 62 15.05 -9.66 7.28
C VAL C 62 14.63 -11.05 6.73
N MSE C 63 13.37 -11.17 6.38
CA MSE C 63 12.87 -12.39 5.74
C MSE C 63 12.59 -12.17 4.28
O MSE C 63 12.02 -11.15 3.87
CB MSE C 63 11.62 -12.82 6.50
CG MSE C 63 11.85 -13.08 7.99
SE MSE C 63 10.14 -13.47 8.85
CE MSE C 63 9.49 -11.74 9.15
N THR C 64 12.91 -13.18 3.46
N THR C 64 13.00 -13.11 3.42
CA THR C 64 12.83 -13.03 2.03
CA THR C 64 12.77 -12.95 2.02
C THR C 64 11.86 -14.06 1.48
C THR C 64 11.74 -13.99 1.63
N TYR C 65 10.88 -13.62 0.70
CA TYR C 65 9.88 -14.51 0.12
C TYR C 65 10.02 -14.39 -1.35
N GLU C 66 10.41 -15.46 -2.04
CA GLU C 66 10.57 -15.38 -3.45
C GLU C 66 9.46 -16.13 -4.08
N TYR C 67 8.71 -15.45 -4.95
CA TYR C 67 7.54 -16.02 -5.56
C TYR C 67 7.76 -16.14 -7.06
N LYS C 68 7.00 -17.03 -7.61
CA LYS C 68 7.07 -17.38 -8.99
C LYS C 68 6.53 -16.26 -9.90
N ASP C 69 5.53 -15.51 -9.39
CA ASP C 69 4.75 -14.58 -10.20
C ASP C 69 3.75 -13.76 -9.38
N ARG C 70 2.97 -12.93 -10.06
CA ARG C 70 1.99 -12.08 -9.34
C ARG C 70 0.96 -12.95 -8.63
N ALA C 71 0.39 -13.90 -9.37
CA ALA C 71 -0.62 -14.85 -8.86
C ALA C 71 -0.14 -15.55 -7.59
N SER C 72 1.13 -15.96 -7.59
CA SER C 72 1.70 -16.70 -6.46
C SER C 72 1.83 -15.81 -5.25
N PHE C 73 2.33 -14.61 -5.48
CA PHE C 73 2.38 -13.58 -4.47
C PHE C 73 0.99 -13.27 -3.90
N GLU C 74 0.00 -13.02 -4.76
CA GLU C 74 -1.31 -12.68 -4.25
C GLU C 74 -1.90 -13.83 -3.44
N ALA C 75 -1.72 -15.06 -3.93
CA ALA C 75 -2.24 -16.25 -3.25
C ALA C 75 -1.61 -16.43 -1.86
N ASN C 76 -0.32 -16.18 -1.78
CA ASN C 76 0.39 -16.31 -0.48
C ASN C 76 0.04 -15.28 0.58
N ILE C 77 -0.18 -14.02 0.20
CA ILE C 77 -0.64 -13.01 1.13
C ILE C 77 -2.02 -13.37 1.65
N ALA C 78 -2.91 -13.78 0.73
CA ALA C 78 -4.25 -14.23 1.10
C ALA C 78 -4.16 -15.37 2.12
N TYR C 79 -3.28 -16.32 1.85
CA TYR C 79 -3.05 -17.42 2.78
C TYR C 79 -2.57 -16.93 4.17
N LEU C 80 -1.57 -16.04 4.20
CA LEU C 80 -1.02 -15.56 5.47
C LEU C 80 -2.04 -14.72 6.21
N GLU C 81 -2.75 -13.86 5.50
CA GLU C 81 -3.76 -13.04 6.17
C GLU C 81 -4.81 -13.96 6.75
N ASP C 82 -5.33 -14.89 5.93
CA ASP C 82 -6.38 -15.79 6.40
C ASP C 82 -5.91 -16.70 7.54
N THR C 83 -4.63 -17.08 7.54
CA THR C 83 -4.08 -18.04 8.50
C THR C 83 -3.61 -17.40 9.82
N PHE C 84 -2.77 -16.37 9.74
CA PHE C 84 -2.16 -15.78 10.94
C PHE C 84 -2.67 -14.38 11.26
N GLY C 85 -3.39 -13.76 10.34
CA GLY C 85 -3.77 -12.35 10.47
C GLY C 85 -4.69 -12.05 11.63
N LYS C 86 -5.50 -13.03 12.02
CA LYS C 86 -6.38 -12.91 13.17
C LYS C 86 -6.08 -14.01 14.21
N ASN C 87 -4.88 -14.59 14.11
CA ASN C 87 -4.41 -15.61 15.05
C ASN C 87 -3.91 -14.87 16.32
N PRO C 88 -4.58 -15.07 17.46
CA PRO C 88 -4.26 -14.25 18.64
C PRO C 88 -2.84 -14.46 19.15
N VAL C 89 -2.25 -15.62 18.86
CA VAL C 89 -0.90 -15.90 19.29
C VAL C 89 0.06 -15.18 18.39
N PHE C 90 -0.12 -15.28 17.08
CA PHE C 90 0.69 -14.48 16.17
C PHE C 90 0.60 -12.97 16.51
N LEU C 91 -0.60 -12.48 16.77
CA LEU C 91 -0.76 -11.06 17.02
C LEU C 91 0.02 -10.62 18.25
N GLN C 92 -0.02 -11.43 19.30
CA GLN C 92 0.77 -11.21 20.50
C GLN C 92 2.26 -11.12 20.22
N LEU C 93 2.73 -12.04 19.38
N LEU C 93 2.75 -12.05 19.41
CA LEU C 93 4.14 -12.18 19.02
CA LEU C 93 4.19 -12.15 19.05
C LEU C 93 4.76 -10.94 18.37
C LEU C 93 4.78 -10.91 18.39
N VAL C 94 3.94 -10.22 17.63
CA VAL C 94 4.40 -9.13 16.79
C VAL C 94 3.86 -7.80 17.32
N THR C 95 3.37 -7.81 18.56
CA THR C 95 2.66 -6.68 19.17
C THR C 95 3.57 -5.51 19.53
N THR C 96 4.85 -5.78 19.76
CA THR C 96 5.82 -4.68 19.88
C THR C 96 7.00 -4.78 18.86
N ALA C 97 6.95 -5.73 17.91
CA ALA C 97 7.83 -5.68 16.73
C ALA C 97 7.35 -4.60 15.76
N LYS C 98 8.25 -4.07 14.94
CA LYS C 98 7.89 -3.20 13.79
C LYS C 98 8.30 -3.87 12.53
N PHE C 99 7.34 -4.02 11.62
CA PHE C 99 7.57 -4.71 10.36
C PHE C 99 7.43 -3.71 9.23
N THR C 100 8.30 -3.82 8.22
N THR C 100 8.26 -3.88 8.19
CA THR C 100 8.14 -3.13 6.96
CA THR C 100 8.24 -3.10 6.98
C THR C 100 8.53 -4.11 5.91
C THR C 100 8.58 -4.06 5.87
N THR C 101 7.78 -4.10 4.82
CA THR C 101 8.05 -4.96 3.72
C THR C 101 8.23 -4.13 2.50
N SER C 102 9.21 -4.50 1.68
N SER C 102 9.23 -4.54 1.71
CA SER C 102 9.47 -3.80 0.46
CA SER C 102 9.60 -3.92 0.48
C SER C 102 9.23 -4.86 -0.53
C SER C 102 9.13 -4.99 -0.42
N ARG C 103 8.20 -4.69 -1.33
CA ARG C 103 7.79 -5.72 -2.30
C ARG C 103 8.33 -5.33 -3.63
N CYS C 104 8.86 -6.34 -4.38
CA CYS C 104 9.66 -6.09 -5.53
C CYS C 104 9.34 -6.97 -6.66
N LEU C 105 9.72 -6.48 -7.84
CA LEU C 105 9.84 -7.29 -9.04
C LEU C 105 11.32 -7.58 -9.29
N VAL C 106 11.60 -8.81 -9.66
CA VAL C 106 12.96 -9.26 -10.01
C VAL C 106 13.40 -8.70 -11.36
N VAL C 107 14.32 -7.74 -11.34
CA VAL C 107 14.89 -7.14 -12.56
C VAL C 107 15.99 -8.03 -13.15
N MSE C 108 16.87 -8.55 -12.31
CA MSE C 108 17.96 -9.40 -12.80
C MSE C 108 18.35 -10.38 -11.72
O MSE C 108 18.29 -10.09 -10.53
CB MSE C 108 19.18 -8.53 -13.16
CG MSE C 108 20.63 -9.10 -12.78
SE MSE C 108 22.04 -7.92 -13.49
CE MSE C 108 21.35 -6.27 -12.87
N GLU C 109 18.86 -11.50 -12.08
CA GLU C 109 19.41 -12.44 -11.08
C GLU C 109 20.49 -13.27 -11.64
N VAL C 110 21.54 -13.45 -10.85
CA VAL C 110 22.82 -14.08 -11.21
C VAL C 110 23.32 -13.84 -12.56
N ALA D 3 28.43 -27.00 7.05
CA ALA D 3 28.74 -26.71 8.49
C ALA D 3 29.05 -25.21 8.68
N GLU D 4 29.46 -24.56 7.58
CA GLU D 4 29.70 -23.13 7.59
C GLU D 4 28.39 -22.36 7.52
N PRO D 5 28.18 -21.46 8.48
CA PRO D 5 27.14 -20.43 8.40
C PRO D 5 27.24 -19.62 7.11
N LYS D 6 26.12 -19.42 6.43
CA LYS D 6 26.03 -18.60 5.22
C LYS D 6 25.70 -17.16 5.61
N PHE D 7 26.04 -16.22 4.74
CA PHE D 7 25.82 -14.81 4.98
C PHE D 7 25.16 -14.18 3.78
N THR D 8 24.34 -13.17 4.01
CA THR D 8 23.67 -12.52 2.91
C THR D 8 23.63 -11.06 3.18
N SER D 9 23.84 -10.30 2.11
CA SER D 9 23.84 -8.85 2.22
C SER D 9 22.72 -8.29 1.31
N PHE D 10 22.01 -7.27 1.80
CA PHE D 10 20.91 -6.62 1.08
C PHE D 10 21.25 -5.15 0.93
N THR D 11 21.46 -4.70 -0.30
CA THR D 11 21.76 -3.31 -0.54
C THR D 11 20.57 -2.58 -1.16
N THR D 12 20.07 -1.56 -0.46
CA THR D 12 19.00 -0.74 -1.01
C THR D 12 19.61 0.52 -1.65
N ALA D 13 19.36 0.69 -2.96
CA ALA D 13 19.81 1.84 -3.73
C ALA D 13 18.61 2.69 -4.14
N ASP D 14 18.62 3.93 -3.66
CA ASP D 14 17.58 4.91 -3.95
C ASP D 14 18.07 6.09 -4.81
N PHE D 15 17.36 6.35 -5.90
CA PHE D 15 17.76 7.32 -6.91
C PHE D 15 16.80 8.51 -6.98
N ILE D 16 17.30 9.66 -7.42
CA ILE D 16 16.53 10.91 -7.43
C ILE D 16 15.47 10.81 -8.50
N ASN D 17 15.78 10.10 -9.57
CA ASN D 17 14.85 9.99 -10.70
C ASN D 17 15.05 8.71 -11.52
N ASP D 18 14.19 8.52 -12.51
CA ASP D 18 14.27 7.33 -13.33
C ASP D 18 15.56 7.28 -14.19
N VAL D 19 15.98 8.44 -14.71
CA VAL D 19 17.21 8.50 -15.53
C VAL D 19 18.44 7.99 -14.76
N ASP D 20 18.60 8.44 -13.52
CA ASP D 20 19.76 8.08 -12.72
C ASP D 20 19.73 6.59 -12.37
N MSE D 21 18.54 6.07 -12.10
CA MSE D 21 18.34 4.67 -11.80
C MSE D 21 18.69 3.80 -12.98
O MSE D 21 19.39 2.79 -12.83
CB MSE D 21 16.86 4.36 -11.41
CG MSE D 21 16.68 2.93 -10.90
SE MSE D 21 14.87 2.50 -10.47
CE MSE D 21 14.36 2.26 -12.34
N GLU D 22 18.15 4.15 -14.13
CA GLU D 22 18.33 3.37 -15.36
C GLU D 22 19.78 3.33 -15.82
N LEU D 23 20.48 4.46 -15.69
CA LEU D 23 21.94 4.49 -15.91
C LEU D 23 22.68 3.49 -15.00
N PHE D 24 22.37 3.50 -13.71
CA PHE D 24 22.93 2.53 -12.80
C PHE D 24 22.62 1.11 -13.23
N ILE D 25 21.34 0.81 -13.44
CA ILE D 25 20.91 -0.55 -13.80
C ILE D 25 21.60 -1.02 -15.07
N ASP D 26 21.56 -0.19 -16.11
CA ASP D 26 22.15 -0.55 -17.40
C ASP D 26 23.65 -0.84 -17.26
N ALA D 27 24.35 -0.04 -16.46
CA ALA D 27 25.75 -0.21 -16.24
C ALA D 27 26.08 -1.51 -15.51
N VAL D 28 25.28 -1.82 -14.49
CA VAL D 28 25.38 -3.09 -13.77
C VAL D 28 25.23 -4.31 -14.69
N GLU D 29 24.19 -4.28 -15.51
CA GLU D 29 23.94 -5.41 -16.41
C GLU D 29 25.03 -5.58 -17.44
N LYS D 30 25.41 -4.47 -18.04
CA LYS D 30 26.42 -4.45 -19.07
C LYS D 30 27.74 -5.02 -18.55
N THR D 31 28.08 -4.70 -17.32
CA THR D 31 29.40 -5.07 -16.82
C THR D 31 29.39 -6.42 -16.13
N ALA D 32 28.24 -7.08 -16.08
CA ALA D 32 28.09 -8.27 -15.23
C ALA D 32 29.05 -9.40 -15.58
N PRO D 33 29.33 -9.61 -16.88
CA PRO D 33 30.26 -10.66 -17.23
C PRO D 33 31.60 -10.62 -16.52
N VAL D 34 32.04 -9.43 -16.11
CA VAL D 34 33.25 -9.29 -15.31
C VAL D 34 33.01 -9.41 -13.82
N TRP D 35 32.13 -8.59 -13.25
CA TRP D 35 32.05 -8.60 -11.79
C TRP D 35 31.37 -9.85 -11.26
N VAL D 36 30.45 -10.45 -12.02
CA VAL D 36 29.83 -11.69 -11.54
C VAL D 36 30.86 -12.83 -11.48
N LYS D 37 31.67 -12.97 -12.52
CA LYS D 37 32.71 -13.98 -12.53
C LYS D 37 33.64 -13.80 -11.36
N GLU D 38 34.07 -12.56 -11.11
CA GLU D 38 34.98 -12.27 -10.00
C GLU D 38 34.37 -12.62 -8.66
N MSE D 39 33.15 -12.17 -8.41
CA MSE D 39 32.48 -12.48 -7.16
C MSE D 39 32.16 -13.96 -6.95
O MSE D 39 32.29 -14.49 -5.86
CB MSE D 39 31.23 -11.63 -7.05
CG MSE D 39 31.52 -10.13 -7.01
SE MSE D 39 29.92 -9.12 -6.61
CE MSE D 39 29.98 -9.42 -4.66
N LYS D 40 31.71 -14.64 -7.99
CA LYS D 40 31.49 -16.08 -7.87
C LYS D 40 32.81 -16.85 -7.57
N SER D 41 33.94 -16.41 -8.10
CA SER D 41 35.24 -17.00 -7.77
C SER D 41 35.59 -16.85 -6.29
N ARG D 42 34.98 -15.86 -5.64
CA ARG D 42 35.17 -15.58 -4.22
C ARG D 42 34.05 -16.10 -3.32
N GLY D 43 33.13 -16.91 -3.87
CA GLY D 43 32.04 -17.51 -3.11
C GLY D 43 30.67 -16.84 -3.05
N LEU D 44 30.43 -15.91 -3.95
CA LEU D 44 29.07 -15.42 -4.19
C LEU D 44 28.28 -16.60 -4.82
N LEU D 45 27.20 -17.00 -4.15
CA LEU D 45 26.32 -18.03 -4.63
C LEU D 45 25.35 -17.45 -5.63
N LYS D 46 24.77 -16.30 -5.31
CA LYS D 46 23.71 -15.72 -6.15
C LYS D 46 23.61 -14.22 -5.94
N PHE D 47 23.30 -13.50 -7.01
CA PHE D 47 22.96 -12.07 -6.93
C PHE D 47 21.57 -11.85 -7.56
N SER D 48 20.79 -10.96 -6.99
CA SER D 48 19.57 -10.54 -7.64
C SER D 48 19.40 -9.06 -7.50
N MSE D 49 18.70 -8.47 -8.45
N MSE D 49 18.74 -8.43 -8.46
CA MSE D 49 18.34 -7.05 -8.38
CA MSE D 49 18.37 -7.00 -8.36
C MSE D 49 16.83 -6.95 -8.52
C MSE D 49 16.86 -6.89 -8.54
O MSE D 49 16.24 -7.52 -9.43
O MSE D 49 16.30 -7.39 -9.51
CB MSE D 49 19.02 -6.28 -9.50
CB MSE D 49 19.14 -6.13 -9.37
CG MSE D 49 18.52 -4.88 -9.61
CG MSE D 49 18.82 -4.65 -9.28
SE MSE D 49 19.30 -3.96 -11.07
SE MSE D 49 20.18 -3.43 -10.00
CE MSE D 49 21.10 -3.77 -10.39
CE MSE D 49 20.72 -4.48 -11.49
N ASN D 50 16.22 -6.22 -7.58
CA ASN D 50 14.76 -6.25 -7.39
C ASN D 50 14.23 -4.83 -7.30
N ARG D 51 13.29 -4.49 -8.16
CA ARG D 51 12.75 -3.12 -8.21
C ARG D 51 11.59 -3.02 -7.22
N VAL D 52 11.63 -2.03 -6.33
CA VAL D 52 10.61 -1.84 -5.30
C VAL D 52 9.38 -1.19 -5.93
N TRP D 53 8.23 -1.82 -5.73
CA TRP D 53 7.00 -1.33 -6.33
C TRP D 53 5.94 -0.85 -5.34
N ASN D 54 6.10 -1.14 -4.06
CA ASN D 54 5.07 -0.76 -3.07
C ASN D 54 5.44 0.41 -2.17
N LYS D 55 6.38 1.23 -2.61
CA LYS D 55 6.83 2.36 -1.78
C LYS D 55 6.57 3.72 -2.45
N GLY D 56 5.59 3.77 -3.34
CA GLY D 56 5.20 4.99 -4.00
C GLY D 56 6.04 5.30 -5.24
N GLU D 57 6.02 6.56 -5.64
CA GLU D 57 6.70 7.01 -6.86
C GLU D 57 8.17 7.28 -6.58
N VAL D 58 8.88 6.20 -6.23
CA VAL D 58 10.31 6.22 -5.91
C VAL D 58 11.07 5.36 -6.92
N PHE D 59 12.39 5.47 -6.92
CA PHE D 59 13.21 4.85 -7.95
C PHE D 59 14.25 4.12 -7.16
N ARG D 60 13.90 2.89 -6.81
CA ARG D 60 14.60 2.15 -5.78
C ARG D 60 14.70 0.66 -6.10
N VAL D 61 15.91 0.10 -5.93
CA VAL D 61 16.15 -1.33 -6.09
C VAL D 61 16.76 -1.92 -4.82
N VAL D 62 16.51 -3.22 -4.61
CA VAL D 62 17.16 -3.97 -3.56
C VAL D 62 18.04 -4.97 -4.25
N MSE D 63 19.31 -4.98 -3.86
CA MSE D 63 20.23 -5.93 -4.42
C MSE D 63 20.63 -6.92 -3.32
O MSE D 63 20.93 -6.51 -2.20
CB MSE D 63 21.42 -5.21 -5.02
CG MSE D 63 21.04 -4.37 -6.25
SE MSE D 63 22.61 -3.35 -6.77
CE MSE D 63 22.90 -2.25 -5.22
N THR D 64 20.56 -8.20 -3.65
N THR D 64 20.57 -8.21 -3.65
CA THR D 64 20.82 -9.31 -2.74
CA THR D 64 20.84 -9.30 -2.72
C THR D 64 22.15 -9.97 -3.17
C THR D 64 22.11 -10.04 -3.14
N TYR D 65 23.01 -10.26 -2.21
CA TYR D 65 24.25 -11.00 -2.46
C TYR D 65 24.29 -12.14 -1.45
N GLU D 66 24.23 -13.36 -1.94
CA GLU D 66 24.23 -14.50 -1.07
C GLU D 66 25.61 -15.16 -1.15
N TYR D 67 26.21 -15.33 0.03
CA TYR D 67 27.52 -15.87 0.18
C TYR D 67 27.51 -17.22 0.86
N LYS D 68 28.48 -18.04 0.46
CA LYS D 68 28.68 -19.43 0.91
C LYS D 68 29.06 -19.44 2.41
N ASP D 69 29.90 -18.50 2.80
CA ASP D 69 30.46 -18.52 4.17
C ASP D 69 31.10 -17.20 4.52
N ARG D 70 31.65 -17.09 5.72
CA ARG D 70 32.25 -15.84 6.17
C ARG D 70 33.45 -15.40 5.32
N ALA D 71 34.30 -16.35 4.91
CA ALA D 71 35.46 -16.03 4.11
C ALA D 71 35.05 -15.40 2.76
N SER D 72 34.03 -15.98 2.14
CA SER D 72 33.48 -15.51 0.88
C SER D 72 32.88 -14.12 1.01
N PHE D 73 32.20 -13.88 2.12
N PHE D 73 32.17 -13.87 2.10
CA PHE D 73 31.63 -12.57 2.43
CA PHE D 73 31.63 -12.54 2.39
C PHE D 73 32.73 -11.51 2.48
C PHE D 73 32.75 -11.51 2.46
N GLU D 74 33.74 -11.77 3.31
CA GLU D 74 34.91 -10.87 3.44
C GLU D 74 35.60 -10.60 2.11
N ALA D 75 35.81 -11.66 1.33
CA ALA D 75 36.47 -11.57 0.02
C ALA D 75 35.68 -10.69 -0.96
N ASN D 76 34.36 -10.82 -0.97
CA ASN D 76 33.50 -10.00 -1.80
C ASN D 76 33.26 -8.57 -1.37
N ILE D 77 33.25 -8.34 -0.07
CA ILE D 77 33.16 -6.96 0.40
C ILE D 77 34.40 -6.20 -0.04
N ALA D 78 35.55 -6.87 0.03
CA ALA D 78 36.82 -6.29 -0.35
C ALA D 78 36.87 -6.04 -1.85
N TYR D 79 36.44 -7.03 -2.65
CA TYR D 79 36.31 -6.87 -4.08
C TYR D 79 35.42 -5.69 -4.43
N LEU D 80 34.25 -5.60 -3.80
CA LEU D 80 33.31 -4.52 -4.10
C LEU D 80 33.88 -3.15 -3.78
N GLU D 81 34.52 -3.00 -2.62
CA GLU D 81 35.21 -1.78 -2.26
C GLU D 81 36.29 -1.41 -3.24
N ASP D 82 37.17 -2.35 -3.55
CA ASP D 82 38.29 -2.06 -4.40
C ASP D 82 37.85 -1.70 -5.81
N THR D 83 36.79 -2.32 -6.30
CA THR D 83 36.34 -2.16 -7.68
C THR D 83 35.41 -0.98 -7.83
N PHE D 84 34.60 -0.72 -6.81
CA PHE D 84 33.52 0.26 -6.90
C PHE D 84 33.51 1.29 -5.78
N GLY D 85 33.42 0.79 -4.56
CA GLY D 85 33.21 1.64 -3.40
C GLY D 85 34.26 2.68 -3.16
N LYS D 86 35.48 2.43 -3.65
CA LYS D 86 36.58 3.35 -3.49
C LYS D 86 37.01 3.95 -4.82
N ASN D 87 36.30 3.64 -5.90
CA ASN D 87 36.66 4.12 -7.22
C ASN D 87 35.93 5.44 -7.48
N PRO D 88 36.67 6.56 -7.57
CA PRO D 88 35.96 7.84 -7.62
C PRO D 88 35.14 8.06 -8.90
N VAL D 89 35.53 7.42 -9.99
CA VAL D 89 34.76 7.50 -11.22
C VAL D 89 33.40 6.80 -11.05
N PHE D 90 33.38 5.57 -10.49
N PHE D 90 33.40 5.59 -10.50
CA PHE D 90 32.11 4.85 -10.17
CA PHE D 90 32.15 4.87 -10.27
C PHE D 90 31.24 5.68 -9.25
C PHE D 90 31.26 5.56 -9.22
N LEU D 91 31.87 6.18 -8.20
CA LEU D 91 31.10 6.94 -7.21
C LEU D 91 30.41 8.17 -7.82
N GLN D 92 31.04 8.80 -8.79
CA GLN D 92 30.46 9.94 -9.48
C GLN D 92 29.22 9.53 -10.31
N LEU D 93 29.26 8.33 -10.85
CA LEU D 93 28.15 7.77 -11.60
C LEU D 93 26.87 7.71 -10.77
N VAL D 94 27.02 7.47 -9.46
CA VAL D 94 25.87 7.32 -8.54
C VAL D 94 25.81 8.39 -7.45
N THR D 95 26.42 9.54 -7.71
CA THR D 95 26.72 10.50 -6.67
C THR D 95 25.49 11.02 -5.91
N THR D 96 24.34 11.15 -6.56
CA THR D 96 23.14 11.62 -5.88
C THR D 96 22.23 10.48 -5.34
N ALA D 97 22.61 9.23 -5.61
CA ALA D 97 21.90 8.06 -5.12
C ALA D 97 22.28 7.84 -3.66
N LYS D 98 21.41 7.15 -2.91
CA LYS D 98 21.68 6.78 -1.52
C LYS D 98 21.67 5.26 -1.45
N PHE D 99 22.76 4.68 -0.96
CA PHE D 99 22.90 3.24 -0.78
C PHE D 99 22.95 2.94 0.72
N THR D 100 22.16 1.97 1.15
CA THR D 100 22.13 1.50 2.55
C THR D 100 22.24 -0.06 2.50
N THR D 101 23.09 -0.62 3.35
CA THR D 101 23.32 -2.06 3.36
C THR D 101 23.05 -2.75 4.71
N SER D 102 22.31 -3.86 4.66
CA SER D 102 22.10 -4.75 5.79
C SER D 102 22.84 -6.08 5.58
N ARG D 103 23.84 -6.31 6.42
CA ARG D 103 24.67 -7.50 6.39
C ARG D 103 24.14 -8.49 7.40
N CYS D 104 23.90 -9.72 6.94
CA CYS D 104 23.16 -10.71 7.69
C CYS D 104 23.78 -12.09 7.71
N LEU D 105 23.52 -12.77 8.83
CA LEU D 105 23.71 -14.21 8.95
C LEU D 105 22.42 -14.95 8.57
N VAL D 106 22.51 -15.95 7.69
CA VAL D 106 21.37 -16.76 7.32
C VAL D 106 21.03 -17.70 8.51
N VAL D 107 19.86 -17.47 9.10
CA VAL D 107 19.29 -18.28 10.21
C VAL D 107 18.47 -19.48 9.77
N MSE D 108 17.71 -19.31 8.69
N MSE D 108 17.79 -19.36 8.63
CA MSE D 108 16.87 -20.38 8.14
CA MSE D 108 16.89 -20.39 8.15
C MSE D 108 16.72 -20.14 6.66
C MSE D 108 16.61 -20.15 6.71
O MSE D 108 16.74 -19.01 6.21
O MSE D 108 16.39 -19.02 6.33
CB MSE D 108 15.45 -20.35 8.75
CB MSE D 108 15.57 -20.30 8.94
CG MSE D 108 14.63 -21.61 8.49
CG MSE D 108 14.36 -20.95 8.28
SE MSE D 108 12.68 -21.39 8.49
SE MSE D 108 12.80 -21.06 9.48
CE MSE D 108 12.53 -19.90 9.71
CE MSE D 108 11.51 -21.79 8.17
N GLU D 109 16.59 -21.23 5.90
CA GLU D 109 16.20 -21.14 4.54
C GLU D 109 15.50 -22.41 4.17
N VAL D 110 14.49 -22.30 3.30
CA VAL D 110 13.71 -23.46 2.84
C VAL D 110 13.28 -23.19 1.40
O2 OHA E . -5.81 11.80 2.22
C16 OHA E . -6.04 12.75 2.96
O3 OHA E . -6.36 12.42 4.21
C15 OHA E . -5.92 14.21 2.56
C14 OHA E . -6.72 15.14 3.47
C13 OHA E . -6.45 16.66 3.29
C12 OHA E . -7.71 17.51 3.03
C11 OHA E . -7.55 19.02 3.34
C10 OHA E . -8.09 20.00 2.27
C9 OHA E . -7.07 20.17 1.12
C8 OHA E . -7.60 20.76 -0.21
C7 OHA E . -6.56 20.62 -1.33
O1 OHA E . -6.48 19.60 -2.00
C6 OHA E . -5.55 21.71 -1.65
C5 OHA E . -5.77 23.01 -0.87
C4 OHA E . -4.78 24.09 -1.34
C3 OHA E . -5.00 25.50 -0.76
C2 OHA E . -6.40 26.09 -0.94
C1 OHA E . -7.06 26.33 0.41
C1 EDO F . -0.87 4.20 7.07
O1 EDO F . -0.25 5.31 7.75
C2 EDO F . -1.75 3.45 8.07
O2 EDO F . -2.29 2.28 7.46
O2 OHA G . -27.01 6.21 -4.90
C16 OHA G . -27.49 5.92 -3.80
O3 OHA G . -27.98 6.90 -3.03
C15 OHA G . -27.56 4.46 -3.37
C14 OHA G . -27.77 4.21 -1.87
C13 OHA G . -27.10 2.88 -1.47
C12 OHA G . -27.68 2.22 -0.20
C11 OHA G . -28.16 0.78 -0.45
C10 OHA G . -27.13 -0.32 -0.11
C9 OHA G . -27.25 -1.56 -1.00
C8 OHA G . -25.89 -2.26 -1.16
C7 OHA G . -25.56 -2.76 -2.56
O1 OHA G . -25.14 -1.99 -3.43
C6 OHA G . -25.67 -4.23 -2.92
C5 OHA G . -26.07 -5.12 -1.74
C4 OHA G . -26.01 -6.61 -2.12
C3 OHA G . -25.79 -7.53 -0.91
C2 OHA G . -27.05 -8.01 -0.20
C1 OHA G . -27.37 -9.46 -0.50
C1 EDO H . -12.39 -6.05 5.85
O1 EDO H . -12.78 -6.81 4.70
C2 EDO H . -11.61 -4.78 5.46
O2 EDO H . -10.55 -5.03 4.52
C1 EDO I . -30.66 -9.16 -11.62
O1 EDO I . -31.03 -9.62 -12.90
C2 EDO I . -31.70 -8.25 -10.99
O2 EDO I . -31.26 -7.82 -9.68
C1 EDO J . -17.66 9.63 3.38
O1 EDO J . -17.28 10.12 4.67
C2 EDO J . -18.45 10.72 2.65
O2 EDO J . -19.80 10.83 3.15
O2 OHA K . 5.27 -11.07 0.56
C16 OHA K . 4.97 -10.51 1.61
O3 OHA K . 4.70 -9.25 1.55
C15 OHA K . 4.85 -11.29 2.92
C14 OHA K . 4.96 -10.52 4.24
C13 OHA K . 4.96 -11.53 5.40
C12 OHA K . 5.29 -10.95 6.78
C11 OHA K . 4.57 -11.69 7.93
C10 OHA K . 5.45 -12.60 8.80
C9 OHA K . 5.05 -14.08 8.63
C8 OHA K . 5.60 -15.00 9.74
C7 OHA K . 5.15 -16.45 9.57
O1 OHA K . 5.55 -17.12 8.61
C6 OHA K . 4.20 -17.07 10.59
C5 OHA K . 4.94 -17.72 11.77
C4 OHA K . 4.42 -17.35 13.16
C3 OHA K . 3.14 -18.10 13.56
C2 OHA K . 2.97 -18.28 15.08
C1 OHA K . 1.52 -18.37 15.52
C1 EDO L . 15.32 -19.11 -7.71
O1 EDO L . 16.15 -17.94 -7.79
C2 EDO L . 14.72 -19.29 -6.31
O2 EDO L . 15.71 -19.09 -5.29
C1 EDO M . 5.37 -21.46 19.72
O1 EDO M . 4.41 -22.17 18.92
C2 EDO M . 4.62 -20.54 20.68
O2 EDO M . 5.02 -19.18 20.47
C1 EDO N . 16.30 -5.46 3.22
O1 EDO N . 17.18 -4.49 3.84
C2 EDO N . 15.61 -4.98 1.97
O2 EDO N . 14.40 -4.31 2.28
O2 OHA O . 28.86 -4.00 1.16
O2 OHA O . 27.84 -6.61 1.59
C16 OHA O . 28.22 -5.03 0.97
C16 OHA O . 27.94 -6.69 0.36
O3 OHA O . 27.77 -5.80 1.96
O3 OHA O . 27.85 -7.88 -0.25
C15 OHA O . 27.90 -5.46 -0.44
C15 OHA O . 28.21 -5.43 -0.45
C14 OHA O . 26.77 -4.58 -0.98
C14 OHA O . 26.96 -4.68 -0.93
C13 OHA O . 27.27 -3.28 -1.60
C13 OHA O . 27.33 -3.32 -1.58
C12 OHA O . 26.63 -3.01 -2.96
C12 OHA O . 26.66 -3.04 -2.94
C11 OHA O . 27.42 -1.95 -3.73
C10 OHA O . 26.90 -1.74 -5.16
C9 OHA O . 27.79 -2.34 -6.28
C8 OHA O . 26.90 -2.91 -7.40
C7 OHA O . 27.49 -4.09 -8.16
O1 OHA O . 27.33 -5.26 -7.78
C6 OHA O . 28.30 -3.85 -9.41
C5 OHA O . 27.94 -2.55 -10.10
C4 OHA O . 28.30 -2.49 -11.59
C3 OHA O . 29.24 -1.35 -11.96
C2 OHA O . 28.70 -0.31 -12.94
C1 OHA O . 29.00 1.09 -12.44
C1 EDO P . 39.39 -9.31 -1.91
O1 EDO P . 38.78 -10.48 -2.50
C2 EDO P . 40.66 -8.96 -2.69
O2 EDO P . 40.35 -8.93 -4.10
C1 EDO Q . 19.93 -0.77 6.07
O1 EDO Q . 18.68 -0.27 6.57
C2 EDO Q . 19.76 -1.47 4.74
O2 EDO Q . 18.64 -0.97 3.96
C1 EDO R . 13.80 -1.33 -13.52
O1 EDO R . 12.56 -1.96 -13.22
C2 EDO R . 14.34 -1.86 -14.85
O2 EDO R . 14.23 -0.83 -15.84
C1 EDO S . 37.77 -16.88 0.38
O1 EDO S . 38.90 -17.71 0.16
C2 EDO S . 37.38 -16.14 -0.88
O2 EDO S . 37.40 -16.98 -2.03
#